data_8ODS
#
_entry.id   8ODS
#
_cell.length_a   43.37
_cell.length_b   73.137
_cell.length_c   99.165
_cell.angle_alpha   90
_cell.angle_beta   90
_cell.angle_gamma   90
#
_symmetry.space_group_name_H-M   'P 21 21 21'
#
loop_
_entity.id
_entity.type
_entity.pdbx_description
1 polymer 'Phosphate-binding protein PstS'
2 non-polymer 'PHOSPHATE ION'
3 water water
#
_entity_poly.entity_id   1
_entity_poly.type   'polypeptide(L)'
_entity_poly.pdbx_seq_one_letter_code
;MGSSHHHHHHSSGLVPRGSHAGAAASDSKGAEISGAGASFIYPLVSKWSADYNAATGNKVNYQSIGSGGGIAQIKAGTVD
FGSTDKPLDSAELQQAGLGQFPSAIGGVVPVVNLEGIAPGKLRLTGALLGDIFLGKVTMWNDAAIVAANPGVTLPATKIN
LVHRSDGSGTTFNFSNYLSKVSPEWKSKVGEGTSVQWPGGVGGKGNEGVASYVQQIKGSIGYVELAYALQNKMPYTSLQN
AAGQWIEPNAESFAAAAASADWANARDFNLVITNAPGEKAWPITATNFMLMHKQPKDAARSKATLDFFKWALENGQAQAS
ELHYVPLPPELVKQIEAYWGSEFK
;
_entity_poly.pdbx_strand_id   A
#
# COMPACT_ATOMS: atom_id res chain seq x y z
N ALA A 31 -25.79 -8.38 12.47
CA ALA A 31 -25.11 -9.32 11.57
C ALA A 31 -23.61 -8.97 11.46
N GLU A 32 -22.70 -9.97 11.61
CA GLU A 32 -21.24 -9.72 11.74
C GLU A 32 -20.33 -10.43 10.74
N ILE A 33 -19.47 -9.67 10.07
CA ILE A 33 -18.51 -10.22 9.12
C ILE A 33 -17.09 -10.05 9.65
N SER A 34 -16.18 -10.90 9.21
CA SER A 34 -14.83 -10.92 9.72
C SER A 34 -13.85 -10.87 8.58
N GLY A 35 -12.84 -10.03 8.72
CA GLY A 35 -11.82 -9.91 7.71
C GLY A 35 -10.44 -9.73 8.30
N ALA A 36 -9.40 -10.01 7.51
CA ALA A 36 -8.04 -9.85 8.00
C ALA A 36 -7.06 -9.62 6.89
N GLY A 37 -5.98 -8.91 7.19
CA GLY A 37 -4.93 -8.72 6.20
C GLY A 37 -4.19 -7.42 6.28
N ALA A 38 -3.90 -6.88 5.10
CA ALA A 38 -3.17 -5.66 4.85
C ALA A 38 -3.36 -4.57 5.88
N SER A 39 -2.27 -4.11 6.48
CA SER A 39 -2.34 -2.91 7.32
C SER A 39 -2.43 -1.66 6.42
N PHE A 40 -2.06 -1.74 5.12
CA PHE A 40 -2.09 -0.60 4.18
C PHE A 40 -3.48 0.04 4.16
N ILE A 41 -4.53 -0.79 4.20
CA ILE A 41 -5.92 -0.34 4.11
C ILE A 41 -6.63 -0.22 5.45
N TYR A 42 -6.01 -0.67 6.55
CA TYR A 42 -6.63 -0.68 7.88
C TYR A 42 -7.23 0.65 8.29
N PRO A 43 -6.55 1.81 8.08
CA PRO A 43 -7.19 3.09 8.44
C PRO A 43 -8.53 3.27 7.71
N LEU A 44 -8.59 2.89 6.42
CA LEU A 44 -9.83 2.99 5.65
C LEU A 44 -10.87 1.98 6.08
N VAL A 45 -10.48 0.69 6.21
CA VAL A 45 -11.43 -0.34 6.63
C VAL A 45 -12.04 -0.03 7.96
N SER A 46 -11.26 0.51 8.88
CA SER A 46 -11.72 0.87 10.21
C SER A 46 -12.79 1.96 10.11
N LYS A 47 -12.53 3.02 9.35
CA LYS A 47 -13.49 4.11 9.17
C LYS A 47 -14.76 3.62 8.46
N TRP A 48 -14.62 2.85 7.37
CA TRP A 48 -15.80 2.25 6.70
C TRP A 48 -16.59 1.38 7.64
N SER A 49 -15.93 0.58 8.50
CA SER A 49 -16.65 -0.31 9.40
C SER A 49 -17.52 0.48 10.35
N ALA A 50 -16.99 1.61 10.87
CA ALA A 50 -17.74 2.45 11.78
C ALA A 50 -18.91 3.13 11.04
N ASP A 51 -18.64 3.68 9.85
CA ASP A 51 -19.70 4.36 9.09
C ASP A 51 -20.76 3.40 8.53
N TYR A 52 -20.34 2.20 8.15
CA TYR A 52 -21.25 1.16 7.63
C TYR A 52 -22.18 0.68 8.77
N ASN A 53 -21.62 0.54 9.99
CA ASN A 53 -22.40 0.18 11.15
C ASN A 53 -23.45 1.28 11.45
N ALA A 54 -23.06 2.55 11.39
CA ALA A 54 -24.01 3.64 11.62
C ALA A 54 -25.15 3.61 10.60
N ALA A 55 -24.83 3.31 9.35
CA ALA A 55 -25.81 3.35 8.29
C ALA A 55 -26.70 2.11 8.18
N THR A 56 -26.19 0.93 8.59
CA THR A 56 -26.92 -0.31 8.35
C THR A 56 -27.18 -1.15 9.62
N GLY A 57 -26.42 -0.92 10.67
CA GLY A 57 -26.47 -1.72 11.88
C GLY A 57 -25.63 -2.98 11.81
N ASN A 58 -24.89 -3.20 10.70
CA ASN A 58 -24.06 -4.39 10.54
C ASN A 58 -22.64 -4.16 11.06
N LYS A 59 -22.00 -5.21 11.54
CA LYS A 59 -20.68 -5.07 12.13
C LYS A 59 -19.59 -5.74 11.32
N VAL A 60 -18.55 -4.98 10.98
CA VAL A 60 -17.41 -5.52 10.26
C VAL A 60 -16.21 -5.53 11.17
N ASN A 61 -15.61 -6.70 11.34
CA ASN A 61 -14.43 -6.86 12.16
C ASN A 61 -13.24 -7.05 11.26
N TYR A 62 -12.16 -6.34 11.50
CA TYR A 62 -10.99 -6.42 10.65
C TYR A 62 -9.70 -6.48 11.45
N GLN A 63 -8.88 -7.49 11.18
CA GLN A 63 -7.61 -7.65 11.85
C GLN A 63 -6.49 -7.18 10.95
N SER A 64 -5.68 -6.24 11.44
CA SER A 64 -4.54 -5.72 10.70
C SER A 64 -3.32 -6.62 10.95
N ILE A 65 -3.06 -7.57 10.04
CA ILE A 65 -1.97 -8.53 10.24
C ILE A 65 -0.99 -8.63 9.08
N GLY A 66 -1.11 -7.77 8.07
CA GLY A 66 -0.27 -7.80 6.89
C GLY A 66 -0.87 -8.63 5.78
N SER A 67 -0.47 -8.38 4.54
CA SER A 67 -0.99 -9.11 3.40
C SER A 67 -0.73 -10.58 3.44
N GLY A 68 0.47 -10.98 3.86
CA GLY A 68 0.83 -12.39 4.00
C GLY A 68 -0.13 -13.11 4.94
N GLY A 69 -0.43 -12.43 6.05
CA GLY A 69 -1.38 -12.93 7.04
C GLY A 69 -2.77 -13.01 6.46
N GLY A 70 -3.16 -11.99 5.68
CA GLY A 70 -4.46 -11.92 5.02
C GLY A 70 -4.69 -13.05 4.04
N ILE A 71 -3.69 -13.36 3.23
CA ILE A 71 -3.76 -14.45 2.27
C ILE A 71 -3.84 -15.78 3.03
N ALA A 72 -3.06 -15.93 4.09
CA ALA A 72 -3.06 -17.16 4.86
C ALA A 72 -4.40 -17.42 5.54
N GLN A 73 -4.97 -16.42 6.21
CA GLN A 73 -6.24 -16.58 6.91
C GLN A 73 -7.42 -16.88 5.97
N ILE A 74 -7.47 -16.22 4.80
CA ILE A 74 -8.57 -16.48 3.85
C ILE A 74 -8.40 -17.88 3.24
N LYS A 75 -7.15 -18.30 2.96
CA LYS A 75 -6.92 -19.64 2.45
C LYS A 75 -7.23 -20.68 3.53
N ALA A 76 -7.10 -20.35 4.84
CA ALA A 76 -7.43 -21.27 5.95
C ALA A 76 -8.93 -21.32 6.28
N GLY A 77 -9.68 -20.34 5.79
CA GLY A 77 -11.11 -20.22 6.02
C GLY A 77 -11.45 -19.71 7.40
N THR A 78 -10.54 -18.96 8.02
CA THR A 78 -10.80 -18.41 9.35
C THR A 78 -11.51 -17.04 9.27
N VAL A 79 -11.52 -16.40 8.11
CA VAL A 79 -12.15 -15.11 7.93
C VAL A 79 -13.08 -15.19 6.72
N ASP A 80 -14.04 -14.21 6.61
CA ASP A 80 -14.93 -14.08 5.48
C ASP A 80 -14.25 -13.42 4.26
N PHE A 81 -13.23 -12.57 4.54
CA PHE A 81 -12.43 -11.93 3.51
C PHE A 81 -11.01 -11.73 3.93
N GLY A 82 -10.12 -11.87 2.98
CA GLY A 82 -8.71 -11.57 3.19
C GLY A 82 -8.39 -10.27 2.47
N SER A 83 -7.35 -9.57 2.92
CA SER A 83 -6.95 -8.32 2.28
C SER A 83 -5.45 -8.30 2.00
N THR A 84 -5.07 -7.94 0.79
CA THR A 84 -3.67 -7.90 0.39
C THR A 84 -3.41 -6.75 -0.57
N ASP A 85 -2.23 -6.15 -0.50
CA ASP A 85 -1.85 -5.12 -1.48
C ASP A 85 -1.08 -5.70 -2.65
N LYS A 86 -0.71 -7.01 -2.61
CA LYS A 86 -0.07 -7.71 -3.71
C LYS A 86 -1.18 -8.51 -4.34
N PRO A 87 -1.64 -8.12 -5.53
CA PRO A 87 -2.68 -8.91 -6.19
C PRO A 87 -2.14 -10.30 -6.54
N LEU A 88 -3.00 -11.30 -6.42
CA LEU A 88 -2.65 -12.64 -6.80
C LEU A 88 -3.01 -12.78 -8.27
N ASP A 89 -2.29 -13.66 -8.98
CA ASP A 89 -2.58 -13.83 -10.39
C ASP A 89 -3.75 -14.83 -10.55
N SER A 90 -4.34 -14.91 -11.74
CA SER A 90 -5.46 -15.80 -12.00
C SER A 90 -5.13 -17.25 -11.66
N ALA A 91 -3.92 -17.74 -12.01
CA ALA A 91 -3.54 -19.14 -11.71
C ALA A 91 -3.62 -19.42 -10.21
N GLU A 92 -3.09 -18.53 -9.37
CA GLU A 92 -3.17 -18.70 -7.91
C GLU A 92 -4.61 -18.61 -7.38
N LEU A 93 -5.44 -17.69 -7.91
CA LEU A 93 -6.81 -17.55 -7.47
C LEU A 93 -7.61 -18.79 -7.84
N GLN A 94 -7.40 -19.34 -9.06
CA GLN A 94 -8.11 -20.57 -9.45
C GLN A 94 -7.71 -21.73 -8.56
N GLN A 95 -6.41 -21.85 -8.26
CA GLN A 95 -5.94 -22.95 -7.41
C GLN A 95 -6.52 -22.87 -5.99
N ALA A 96 -6.71 -21.66 -5.47
CA ALA A 96 -7.24 -21.46 -4.13
C ALA A 96 -8.77 -21.32 -4.06
N GLY A 97 -9.43 -21.25 -5.21
CA GLY A 97 -10.88 -21.04 -5.28
C GLY A 97 -11.28 -19.67 -4.78
N LEU A 98 -10.45 -18.66 -5.06
CA LEU A 98 -10.72 -17.32 -4.60
C LEU A 98 -11.02 -16.40 -5.76
N GLY A 99 -11.75 -15.37 -5.41
CA GLY A 99 -12.07 -14.21 -6.23
C GLY A 99 -11.31 -13.04 -5.63
N GLN A 100 -10.95 -12.08 -6.44
CA GLN A 100 -10.16 -10.93 -6.01
C GLN A 100 -10.72 -9.68 -6.62
N PHE A 101 -10.74 -8.57 -5.87
CA PHE A 101 -11.24 -7.30 -6.38
C PHE A 101 -10.62 -6.17 -5.59
N PRO A 102 -10.40 -5.03 -6.21
CA PRO A 102 -9.80 -3.90 -5.47
C PRO A 102 -10.79 -3.30 -4.49
N SER A 103 -10.26 -2.56 -3.50
CA SER A 103 -11.09 -1.91 -2.49
C SER A 103 -10.85 -0.40 -2.55
N ALA A 104 -9.56 0.01 -2.68
CA ALA A 104 -9.23 1.43 -2.71
C ALA A 104 -7.77 1.58 -3.14
N ILE A 105 -7.38 2.77 -3.59
CA ILE A 105 -6.00 3.01 -4.01
C ILE A 105 -5.31 3.93 -3.00
N GLY A 106 -4.08 3.61 -2.65
CA GLY A 106 -3.30 4.42 -1.73
C GLY A 106 -1.89 4.52 -2.28
N GLY A 107 -0.95 4.89 -1.44
CA GLY A 107 0.43 5.03 -1.86
C GLY A 107 1.41 4.70 -0.76
N VAL A 108 2.56 4.18 -1.15
CA VAL A 108 3.62 3.89 -0.18
C VAL A 108 4.54 5.10 -0.25
N VAL A 109 5.00 5.56 0.91
CA VAL A 109 5.84 6.72 0.99
C VAL A 109 7.07 6.44 1.84
N PRO A 110 8.23 6.90 1.39
CA PRO A 110 9.41 6.82 2.26
C PRO A 110 9.20 7.82 3.41
N VAL A 111 9.42 7.42 4.65
CA VAL A 111 9.33 8.33 5.80
C VAL A 111 10.67 8.37 6.47
N VAL A 112 10.99 9.52 7.08
CA VAL A 112 12.28 9.70 7.72
C VAL A 112 12.16 10.26 9.12
N ASN A 113 13.23 10.11 9.91
CA ASN A 113 13.33 10.71 11.22
C ASN A 113 14.59 11.57 11.12
N LEU A 114 14.44 12.80 10.65
CA LEU A 114 15.51 13.77 10.51
C LEU A 114 15.07 15.08 11.18
N GLU A 115 16.00 15.79 11.81
CA GLU A 115 15.68 17.04 12.49
C GLU A 115 15.45 18.21 11.52
N GLY A 116 14.33 18.92 11.70
CA GLY A 116 14.04 20.12 10.92
C GLY A 116 13.57 19.91 9.51
N ILE A 117 13.11 18.70 9.19
CA ILE A 117 12.64 18.41 7.85
C ILE A 117 11.11 18.35 7.91
N ALA A 118 10.46 19.17 7.08
CA ALA A 118 9.00 19.18 7.03
C ALA A 118 8.57 17.97 6.14
N PRO A 119 7.33 17.45 6.28
CA PRO A 119 6.90 16.36 5.41
C PRO A 119 6.84 16.85 3.95
N GLY A 120 7.38 16.06 3.05
CA GLY A 120 7.40 16.35 1.63
C GLY A 120 8.64 17.09 1.17
N LYS A 121 9.40 17.67 2.11
CA LYS A 121 10.55 18.48 1.74
C LYS A 121 11.69 17.64 1.18
N LEU A 122 12.07 16.58 1.88
CA LEU A 122 13.19 15.75 1.45
C LEU A 122 12.89 15.10 0.13
N ARG A 123 13.82 15.15 -0.79
CA ARG A 123 13.68 14.62 -2.14
C ARG A 123 14.60 13.47 -2.40
N LEU A 124 14.06 12.42 -2.98
CA LEU A 124 14.85 11.27 -3.38
C LEU A 124 14.42 10.82 -4.78
N THR A 125 15.35 10.44 -5.64
CA THR A 125 14.98 9.81 -6.92
C THR A 125 14.70 8.35 -6.57
N GLY A 126 14.08 7.60 -7.50
CA GLY A 126 13.84 6.18 -7.25
C GLY A 126 15.11 5.40 -7.15
N ALA A 127 16.10 5.76 -7.99
CA ALA A 127 17.40 5.13 -8.02
C ALA A 127 18.14 5.39 -6.69
N LEU A 128 18.04 6.62 -6.17
CA LEU A 128 18.67 6.98 -4.91
C LEU A 128 17.99 6.27 -3.77
N LEU A 129 16.64 6.21 -3.77
CA LEU A 129 15.93 5.47 -2.73
C LEU A 129 16.33 3.98 -2.74
N GLY A 130 16.56 3.44 -3.94
CA GLY A 130 17.03 2.07 -4.09
C GLY A 130 18.40 1.88 -3.50
N ASP A 131 19.32 2.80 -3.77
CA ASP A 131 20.68 2.75 -3.23
C ASP A 131 20.69 2.89 -1.71
N ILE A 132 19.73 3.62 -1.13
CA ILE A 132 19.67 3.78 0.31
C ILE A 132 19.26 2.46 0.92
N PHE A 133 18.20 1.85 0.39
CA PHE A 133 17.70 0.58 0.93
C PHE A 133 18.62 -0.61 0.61
N LEU A 134 19.47 -0.50 -0.42
CA LEU A 134 20.49 -1.52 -0.69
C LEU A 134 21.68 -1.39 0.27
N GLY A 135 21.83 -0.26 0.95
CA GLY A 135 22.98 -0.02 1.80
C GLY A 135 24.17 0.52 1.02
N LYS A 136 23.96 0.97 -0.22
CA LYS A 136 25.03 1.55 -1.02
C LYS A 136 25.26 3.00 -0.57
N VAL A 137 24.19 3.73 -0.27
CA VAL A 137 24.26 5.10 0.24
C VAL A 137 23.97 4.94 1.71
N THR A 138 24.98 5.13 2.57
CA THR A 138 24.88 4.84 3.99
C THR A 138 24.89 6.04 4.92
N MET A 139 25.11 7.24 4.41
CA MET A 139 25.17 8.45 5.24
C MET A 139 24.20 9.48 4.70
N TRP A 140 23.57 10.26 5.59
CA TRP A 140 22.64 11.33 5.19
C TRP A 140 23.34 12.48 4.42
N ASN A 141 24.66 12.65 4.63
CA ASN A 141 25.42 13.67 3.91
C ASN A 141 26.11 13.12 2.65
N ASP A 142 25.64 11.96 2.14
CA ASP A 142 26.10 11.39 0.89
C ASP A 142 25.89 12.43 -0.22
N ALA A 143 26.88 12.60 -1.08
CA ALA A 143 26.81 13.58 -2.13
C ALA A 143 25.52 13.56 -2.97
N ALA A 144 24.89 12.38 -3.19
CA ALA A 144 23.64 12.36 -3.98
C ALA A 144 22.47 12.94 -3.21
N ILE A 145 22.42 12.68 -1.90
CA ILE A 145 21.33 13.22 -1.07
C ILE A 145 21.45 14.72 -0.92
N VAL A 146 22.67 15.24 -0.66
CA VAL A 146 22.90 16.67 -0.53
C VAL A 146 22.57 17.39 -1.84
N ALA A 147 22.99 16.84 -2.98
CA ALA A 147 22.73 17.43 -4.29
C ALA A 147 21.27 17.51 -4.61
N ALA A 148 20.48 16.49 -4.21
CA ALA A 148 19.03 16.47 -4.48
C ALA A 148 18.25 17.38 -3.52
N ASN A 149 18.89 17.83 -2.43
CA ASN A 149 18.26 18.60 -1.38
C ASN A 149 19.02 19.89 -1.07
N PRO A 150 19.13 20.84 -2.02
CA PRO A 150 19.83 22.10 -1.70
C PRO A 150 19.11 22.85 -0.58
N GLY A 151 19.87 23.38 0.37
CA GLY A 151 19.30 24.16 1.46
C GLY A 151 18.75 23.37 2.63
N VAL A 152 18.81 22.04 2.53
CA VAL A 152 18.33 21.17 3.59
C VAL A 152 19.50 20.78 4.46
N THR A 153 19.36 20.89 5.78
CA THR A 153 20.42 20.51 6.69
C THR A 153 20.40 19.01 6.96
N LEU A 154 21.44 18.31 6.51
CA LEU A 154 21.54 16.87 6.65
C LEU A 154 22.66 16.52 7.62
N PRO A 155 22.40 15.59 8.55
CA PRO A 155 23.44 15.23 9.51
C PRO A 155 24.53 14.34 8.90
N ALA A 156 25.73 14.38 9.48
CA ALA A 156 26.86 13.56 9.06
C ALA A 156 26.77 12.23 9.81
N THR A 157 25.61 11.56 9.69
CA THR A 157 25.34 10.32 10.40
C THR A 157 24.83 9.20 9.48
N LYS A 158 24.88 7.97 9.99
CA LYS A 158 24.43 6.76 9.33
C LYS A 158 22.93 6.82 9.02
N ILE A 159 22.53 6.30 7.87
CA ILE A 159 21.11 6.18 7.52
C ILE A 159 20.71 4.88 8.22
N ASN A 160 19.69 4.92 9.06
CA ASN A 160 19.25 3.70 9.76
C ASN A 160 18.00 3.13 9.07
N LEU A 161 18.15 2.01 8.35
CA LEU A 161 17.03 1.43 7.61
C LEU A 161 16.03 0.70 8.46
N VAL A 162 14.75 0.91 8.15
CA VAL A 162 13.64 0.23 8.80
C VAL A 162 12.81 -0.34 7.66
N HIS A 163 12.51 -1.62 7.75
CA HIS A 163 11.68 -2.31 6.76
C HIS A 163 10.68 -3.18 7.50
N ARG A 164 9.76 -3.79 6.78
CA ARG A 164 8.78 -4.67 7.40
C ARG A 164 9.43 -6.01 7.74
N SER A 165 9.00 -6.61 8.84
CA SER A 165 9.49 -7.95 9.22
C SER A 165 8.49 -9.01 8.74
N ASP A 166 7.19 -8.68 8.68
CA ASP A 166 6.13 -9.59 8.26
C ASP A 166 5.89 -9.53 6.74
N GLY A 167 5.19 -10.56 6.19
CA GLY A 167 4.81 -10.61 4.78
C GLY A 167 3.90 -9.43 4.49
N SER A 168 4.37 -8.53 3.65
CA SER A 168 3.72 -7.26 3.46
C SER A 168 3.39 -6.89 2.06
N GLY A 169 2.20 -6.36 1.86
CA GLY A 169 1.81 -5.82 0.57
C GLY A 169 2.47 -4.47 0.32
N THR A 170 2.71 -3.69 1.39
CA THR A 170 3.42 -2.43 1.32
C THR A 170 4.87 -2.70 0.85
N THR A 171 5.53 -3.72 1.39
CA THR A 171 6.86 -4.14 0.96
C THR A 171 6.81 -4.63 -0.48
N PHE A 172 5.74 -5.35 -0.87
CA PHE A 172 5.60 -5.78 -2.25
C PHE A 172 5.61 -4.58 -3.20
N ASN A 173 4.73 -3.58 -2.98
CA ASN A 173 4.68 -2.43 -3.86
C ASN A 173 5.98 -1.61 -3.83
N PHE A 174 6.60 -1.49 -2.66
CA PHE A 174 7.87 -0.78 -2.52
C PHE A 174 8.99 -1.49 -3.30
N SER A 175 9.18 -2.79 -3.06
CA SER A 175 10.22 -3.56 -3.74
C SER A 175 9.94 -3.70 -5.23
N ASN A 176 8.67 -3.76 -5.62
CA ASN A 176 8.29 -3.82 -7.03
C ASN A 176 8.71 -2.52 -7.73
N TYR A 177 8.46 -1.37 -7.08
CA TYR A 177 8.85 -0.06 -7.62
C TYR A 177 10.37 -0.01 -7.71
N LEU A 178 11.09 -0.42 -6.63
CA LEU A 178 12.55 -0.40 -6.61
C LEU A 178 13.15 -1.25 -7.71
N SER A 179 12.53 -2.39 -8.03
CA SER A 179 13.02 -3.26 -9.08
C SER A 179 12.90 -2.60 -10.45
N LYS A 180 11.85 -1.79 -10.66
CA LYS A 180 11.66 -1.06 -11.92
C LYS A 180 12.68 0.06 -12.09
N VAL A 181 13.09 0.73 -10.99
CA VAL A 181 13.99 1.89 -11.13
C VAL A 181 15.44 1.65 -10.71
N SER A 182 15.75 0.48 -10.19
CA SER A 182 17.11 0.19 -9.76
C SER A 182 17.49 -1.18 -10.23
N PRO A 183 18.32 -1.25 -11.27
CA PRO A 183 18.75 -2.57 -11.75
C PRO A 183 19.50 -3.38 -10.69
N GLU A 184 20.30 -2.74 -9.82
CA GLU A 184 21.00 -3.49 -8.76
C GLU A 184 19.99 -4.03 -7.76
N TRP A 185 18.98 -3.24 -7.39
CA TRP A 185 17.94 -3.76 -6.49
C TRP A 185 17.21 -4.95 -7.12
N LYS A 186 16.79 -4.84 -8.38
CA LYS A 186 16.09 -5.93 -9.07
C LYS A 186 16.89 -7.24 -9.06
N SER A 187 18.22 -7.16 -9.29
CA SER A 187 19.01 -8.38 -9.33
C SER A 187 19.38 -8.89 -7.94
N LYS A 188 19.65 -7.99 -6.99
CA LYS A 188 20.08 -8.41 -5.65
C LYS A 188 18.96 -8.72 -4.68
N VAL A 189 17.84 -8.00 -4.76
CA VAL A 189 16.76 -8.16 -3.81
C VAL A 189 15.47 -8.58 -4.47
N GLY A 190 15.15 -7.92 -5.57
CA GLY A 190 13.94 -8.23 -6.31
C GLY A 190 12.69 -7.72 -5.59
N GLU A 191 11.58 -8.45 -5.77
CA GLU A 191 10.33 -8.03 -5.15
C GLU A 191 9.57 -9.16 -4.50
N GLY A 192 8.61 -8.80 -3.65
CA GLY A 192 7.77 -9.77 -2.99
C GLY A 192 7.19 -9.25 -1.71
N THR A 193 6.24 -10.01 -1.12
CA THR A 193 5.71 -9.64 0.18
C THR A 193 6.82 -9.73 1.26
N SER A 194 7.82 -10.57 1.02
CA SER A 194 9.00 -10.62 1.87
C SER A 194 10.21 -10.63 0.94
N VAL A 195 11.24 -9.88 1.26
CA VAL A 195 12.49 -9.88 0.49
C VAL A 195 13.66 -10.08 1.49
N GLN A 196 14.89 -10.33 0.98
CA GLN A 196 16.04 -10.44 1.85
C GLN A 196 16.66 -9.07 1.88
N TRP A 197 16.38 -8.31 2.91
CA TRP A 197 16.88 -6.95 3.04
C TRP A 197 18.36 -6.98 3.32
N PRO A 198 19.16 -6.22 2.57
CA PRO A 198 20.61 -6.16 2.85
C PRO A 198 20.90 -5.68 4.28
N GLY A 199 20.01 -4.87 4.84
CA GLY A 199 20.20 -4.37 6.20
C GLY A 199 19.03 -3.62 6.80
N GLY A 200 19.19 -3.24 8.05
CA GLY A 200 18.19 -2.49 8.79
C GLY A 200 17.45 -3.32 9.82
N VAL A 201 16.42 -2.73 10.44
CA VAL A 201 15.60 -3.42 11.43
C VAL A 201 14.22 -3.67 10.84
N GLY A 202 13.58 -4.72 11.32
CA GLY A 202 12.27 -5.08 10.83
C GLY A 202 11.17 -4.78 11.83
N GLY A 203 10.18 -4.02 11.39
CA GLY A 203 9.01 -3.67 12.19
C GLY A 203 7.78 -4.41 11.72
N LYS A 204 6.93 -4.81 12.68
CA LYS A 204 5.72 -5.56 12.36
C LYS A 204 4.58 -4.65 11.95
N GLY A 205 4.08 -4.83 10.75
CA GLY A 205 2.99 -4.02 10.23
C GLY A 205 3.41 -2.60 9.91
N ASN A 206 2.52 -1.82 9.24
CA ASN A 206 2.80 -0.41 8.97
C ASN A 206 2.99 0.35 10.31
N GLU A 207 2.25 -0.05 11.36
CA GLU A 207 2.39 0.59 12.67
C GLU A 207 3.77 0.36 13.26
N GLY A 208 4.30 -0.84 13.10
CA GLY A 208 5.63 -1.18 13.59
C GLY A 208 6.74 -0.43 12.87
N VAL A 209 6.61 -0.24 11.54
CA VAL A 209 7.60 0.52 10.79
C VAL A 209 7.51 1.99 11.26
N ALA A 210 6.30 2.54 11.37
CA ALA A 210 6.11 3.90 11.88
C ALA A 210 6.72 4.08 13.26
N SER A 211 6.48 3.12 14.17
CA SER A 211 7.02 3.18 15.52
C SER A 211 8.56 3.17 15.53
N TYR A 212 9.19 2.28 14.76
CA TYR A 212 10.65 2.20 14.66
C TYR A 212 11.23 3.46 14.06
N VAL A 213 10.55 4.08 13.07
CA VAL A 213 11.07 5.31 12.48
C VAL A 213 11.04 6.43 13.53
N GLN A 214 9.97 6.49 14.34
CA GLN A 214 9.88 7.47 15.40
C GLN A 214 10.93 7.24 16.48
N GLN A 215 11.26 6.00 16.76
CA GLN A 215 12.19 5.66 17.82
C GLN A 215 13.66 5.89 17.47
N ILE A 216 14.00 5.74 16.20
CA ILE A 216 15.40 5.84 15.76
C ILE A 216 15.71 7.12 15.02
N LYS A 217 16.61 7.95 15.58
CA LYS A 217 17.01 9.16 14.88
C LYS A 217 17.84 8.80 13.64
N GLY A 218 17.65 9.57 12.57
CA GLY A 218 18.32 9.36 11.30
C GLY A 218 17.84 8.12 10.61
N SER A 219 16.56 7.76 10.80
CA SER A 219 16.05 6.55 10.18
CA SER A 219 16.01 6.55 10.20
C SER A 219 15.25 6.81 8.91
N ILE A 220 15.00 5.75 8.13
CA ILE A 220 14.21 5.82 6.93
C ILE A 220 13.49 4.49 6.81
N GLY A 221 12.20 4.60 6.61
CA GLY A 221 11.31 3.47 6.42
C GLY A 221 10.31 3.78 5.33
N TYR A 222 9.31 2.92 5.17
CA TYR A 222 8.30 3.12 4.13
C TYR A 222 6.97 2.70 4.74
N VAL A 223 5.94 3.51 4.54
CA VAL A 223 4.61 3.20 5.10
C VAL A 223 3.53 3.64 4.10
N GLU A 224 2.28 3.16 4.26
CA GLU A 224 1.19 3.70 3.46
C GLU A 224 0.95 5.14 4.03
N LEU A 225 0.75 6.14 3.13
CA LEU A 225 0.55 7.54 3.45
C LEU A 225 -0.29 7.81 4.70
N ALA A 226 -1.41 7.08 4.91
CA ALA A 226 -2.25 7.34 6.08
C ALA A 226 -1.51 7.20 7.39
N TYR A 227 -0.50 6.34 7.44
CA TYR A 227 0.30 6.18 8.65
C TYR A 227 1.24 7.38 8.86
N ALA A 228 1.79 7.96 7.78
CA ALA A 228 2.65 9.14 7.92
C ALA A 228 1.75 10.31 8.37
N LEU A 229 0.57 10.48 7.78
CA LEU A 229 -0.34 11.56 8.14
C LEU A 229 -0.87 11.46 9.57
N GLN A 230 -1.32 10.28 10.03
CA GLN A 230 -1.84 10.18 11.40
C GLN A 230 -0.76 10.41 12.45
N ASN A 231 0.50 10.08 12.11
CA ASN A 231 1.62 10.30 13.01
C ASN A 231 2.33 11.62 12.84
N LYS A 232 1.96 12.43 11.83
CA LYS A 232 2.60 13.71 11.56
C LYS A 232 4.10 13.50 11.30
N MET A 233 4.42 12.45 10.53
CA MET A 233 5.79 12.07 10.20
C MET A 233 6.23 12.72 8.92
N PRO A 234 7.52 13.07 8.79
CA PRO A 234 7.99 13.62 7.52
C PRO A 234 8.15 12.53 6.47
N TYR A 235 7.24 12.48 5.50
CA TYR A 235 7.40 11.61 4.35
C TYR A 235 8.27 12.41 3.37
N THR A 236 8.77 11.78 2.32
CA THR A 236 9.60 12.48 1.34
C THR A 236 8.83 12.69 0.03
N SER A 237 9.29 13.63 -0.77
CA SER A 237 8.90 13.73 -2.14
C SER A 237 9.71 12.65 -2.90
N LEU A 238 9.24 12.23 -4.06
CA LEU A 238 9.95 11.30 -4.94
C LEU A 238 9.86 11.88 -6.34
N GLN A 239 10.81 11.57 -7.20
CA GLN A 239 10.76 11.99 -8.58
C GLN A 239 10.02 10.88 -9.33
N ASN A 240 9.04 11.22 -10.16
CA ASN A 240 8.33 10.19 -10.93
C ASN A 240 9.07 9.88 -12.25
N ALA A 241 8.61 8.88 -13.00
CA ALA A 241 9.21 8.47 -14.28
C ALA A 241 9.24 9.63 -15.30
N ALA A 242 8.29 10.56 -15.20
CA ALA A 242 8.30 11.76 -16.05
C ALA A 242 9.34 12.82 -15.61
N GLY A 243 10.06 12.58 -14.53
CA GLY A 243 11.09 13.49 -14.05
C GLY A 243 10.58 14.63 -13.19
N GLN A 244 9.32 14.54 -12.73
CA GLN A 244 8.73 15.57 -11.87
C GLN A 244 8.85 15.23 -10.40
N TRP A 245 9.04 16.24 -9.56
CA TRP A 245 9.09 16.10 -8.12
C TRP A 245 7.67 16.06 -7.60
N ILE A 246 7.30 14.95 -6.97
CA ILE A 246 5.92 14.77 -6.53
C ILE A 246 5.79 14.62 -5.04
N GLU A 247 4.75 15.20 -4.47
CA GLU A 247 4.41 15.01 -3.07
C GLU A 247 3.30 13.98 -3.02
N PRO A 248 3.41 13.02 -2.10
CA PRO A 248 2.39 11.98 -2.03
C PRO A 248 1.09 12.51 -1.44
N ASN A 249 0.00 12.31 -2.15
CA ASN A 249 -1.32 12.74 -1.69
C ASN A 249 -2.38 12.13 -2.58
N ALA A 250 -3.68 12.24 -2.21
CA ALA A 250 -4.75 11.67 -3.05
C ALA A 250 -4.66 12.10 -4.53
N GLU A 251 -4.24 13.35 -4.79
CA GLU A 251 -4.13 13.83 -6.18
C GLU A 251 -3.06 13.06 -7.00
N SER A 252 -1.88 12.88 -6.40
CA SER A 252 -0.81 12.18 -7.09
C SER A 252 -1.09 10.69 -7.20
N PHE A 253 -1.83 10.11 -6.21
CA PHE A 253 -2.20 8.72 -6.30
C PHE A 253 -3.22 8.56 -7.43
N ALA A 254 -4.18 9.46 -7.52
CA ALA A 254 -5.20 9.44 -8.57
C ALA A 254 -4.57 9.61 -9.95
N ALA A 255 -3.56 10.47 -10.06
CA ALA A 255 -2.85 10.64 -11.33
C ALA A 255 -2.18 9.34 -11.76
N ALA A 256 -1.61 8.59 -10.81
CA ALA A 256 -1.03 7.29 -11.12
C ALA A 256 -2.10 6.29 -11.54
N ALA A 257 -3.22 6.24 -10.77
CA ALA A 257 -4.36 5.38 -11.05
C ALA A 257 -5.00 5.67 -12.38
N ALA A 258 -4.88 6.92 -12.89
CA ALA A 258 -5.52 7.29 -14.16
C ALA A 258 -5.05 6.47 -15.34
N SER A 259 -3.83 5.95 -15.30
CA SER A 259 -3.34 5.12 -16.41
C SER A 259 -3.62 3.60 -16.20
N ALA A 260 -4.29 3.20 -15.10
CA ALA A 260 -4.58 1.79 -14.86
C ALA A 260 -5.60 1.20 -15.85
N ASP A 261 -5.22 0.16 -16.58
CA ASP A 261 -6.12 -0.49 -17.52
C ASP A 261 -6.88 -1.63 -16.80
N TRP A 262 -7.76 -1.27 -15.86
CA TRP A 262 -8.54 -2.26 -15.12
C TRP A 262 -9.46 -3.11 -16.02
N ALA A 263 -10.04 -2.49 -17.04
CA ALA A 263 -10.98 -3.13 -17.97
C ALA A 263 -10.38 -4.38 -18.60
N ASN A 264 -9.09 -4.34 -18.97
CA ASN A 264 -8.40 -5.50 -19.57
C ASN A 264 -7.65 -6.41 -18.60
N ALA A 265 -7.74 -6.12 -17.31
CA ALA A 265 -7.09 -6.95 -16.31
C ALA A 265 -7.98 -8.16 -16.00
N ARG A 266 -7.36 -9.30 -15.71
CA ARG A 266 -8.10 -10.49 -15.34
C ARG A 266 -8.01 -10.59 -13.84
N ASP A 267 -9.15 -10.71 -13.16
CA ASP A 267 -9.21 -10.72 -11.69
C ASP A 267 -8.59 -9.45 -11.10
N PHE A 268 -8.59 -8.34 -11.87
CA PHE A 268 -8.01 -7.07 -11.45
C PHE A 268 -6.53 -7.19 -11.10
N ASN A 269 -5.83 -8.21 -11.64
CA ASN A 269 -4.42 -8.39 -11.33
C ASN A 269 -3.61 -7.33 -12.02
N LEU A 270 -3.38 -6.19 -11.35
CA LEU A 270 -2.63 -5.09 -11.96
C LEU A 270 -1.87 -4.35 -10.89
N VAL A 271 -0.58 -4.11 -11.14
CA VAL A 271 0.29 -3.37 -10.24
C VAL A 271 0.52 -1.99 -10.86
N ILE A 272 0.22 -0.90 -10.12
CA ILE A 272 0.28 0.45 -10.71
C ILE A 272 1.48 1.30 -10.24
N THR A 273 2.59 0.67 -9.87
CA THR A 273 3.80 1.39 -9.51
C THR A 273 4.49 2.01 -10.74
N ASN A 274 5.33 3.02 -10.52
CA ASN A 274 6.07 3.76 -11.52
C ASN A 274 5.18 4.28 -12.63
N ALA A 275 4.00 4.76 -12.25
CA ALA A 275 3.02 5.23 -13.21
C ALA A 275 3.52 6.38 -14.09
N PRO A 276 3.08 6.41 -15.35
CA PRO A 276 3.54 7.48 -16.25
C PRO A 276 2.82 8.81 -16.03
N GLY A 277 3.30 9.84 -16.71
CA GLY A 277 2.63 11.13 -16.65
C GLY A 277 3.23 12.06 -15.62
N GLU A 278 2.96 13.32 -15.79
CA GLU A 278 3.56 14.37 -15.02
C GLU A 278 3.17 14.45 -13.57
N LYS A 279 1.97 14.03 -13.20
CA LYS A 279 1.54 14.19 -11.80
C LYS A 279 1.54 12.94 -10.94
N ALA A 280 1.90 11.80 -11.52
CA ALA A 280 1.80 10.54 -10.81
C ALA A 280 2.78 10.34 -9.67
N TRP A 281 2.29 9.84 -8.53
CA TRP A 281 3.15 9.42 -7.43
C TRP A 281 3.69 8.06 -7.85
N PRO A 282 5.03 7.86 -7.82
CA PRO A 282 5.60 6.62 -8.36
C PRO A 282 5.39 5.33 -7.56
N ILE A 283 4.96 5.40 -6.32
CA ILE A 283 4.71 4.15 -5.54
C ILE A 283 3.24 4.07 -5.20
N THR A 284 2.38 4.27 -6.19
CA THR A 284 0.93 4.15 -5.99
C THR A 284 0.59 2.64 -5.97
N ALA A 285 -0.43 2.27 -5.18
CA ALA A 285 -0.76 0.87 -4.99
C ALA A 285 -2.25 0.66 -4.70
N THR A 286 -2.73 -0.56 -4.96
CA THR A 286 -4.14 -0.87 -4.76
C THR A 286 -4.21 -1.94 -3.68
N ASN A 287 -5.23 -1.87 -2.83
CA ASN A 287 -5.48 -2.92 -1.88
C ASN A 287 -6.53 -3.81 -2.56
N PHE A 288 -6.43 -5.10 -2.33
CA PHE A 288 -7.33 -6.09 -2.91
C PHE A 288 -7.98 -6.92 -1.83
N MET A 289 -9.23 -7.28 -2.07
CA MET A 289 -9.98 -8.11 -1.16
C MET A 289 -10.10 -9.50 -1.81
N LEU A 290 -9.99 -10.56 -1.01
CA LEU A 290 -10.06 -11.96 -1.45
C LEU A 290 -11.20 -12.67 -0.75
N MET A 291 -12.03 -13.39 -1.51
CA MET A 291 -13.14 -14.15 -0.96
C MET A 291 -13.30 -15.46 -1.72
N HIS A 292 -13.88 -16.46 -1.09
CA HIS A 292 -14.09 -17.75 -1.71
C HIS A 292 -15.22 -17.67 -2.70
N LYS A 293 -14.98 -18.16 -3.91
CA LYS A 293 -16.00 -18.15 -4.96
C LYS A 293 -17.19 -19.06 -4.59
N GLN A 294 -16.94 -20.13 -3.85
CA GLN A 294 -18.02 -21.02 -3.39
C GLN A 294 -17.95 -21.05 -1.87
N PRO A 295 -18.59 -20.07 -1.22
CA PRO A 295 -18.51 -20.02 0.24
C PRO A 295 -19.28 -21.15 0.92
N LYS A 296 -18.77 -21.63 2.05
CA LYS A 296 -19.52 -22.58 2.86
C LYS A 296 -20.67 -21.82 3.54
N ASP A 297 -20.47 -20.52 3.90
CA ASP A 297 -21.56 -19.72 4.48
C ASP A 297 -22.03 -18.66 3.51
N ALA A 298 -23.06 -19.00 2.76
CA ALA A 298 -23.65 -18.12 1.79
C ALA A 298 -24.15 -16.81 2.41
N ALA A 299 -24.79 -16.89 3.60
CA ALA A 299 -25.30 -15.69 4.27
C ALA A 299 -24.18 -14.70 4.60
N ARG A 300 -23.07 -15.19 5.16
CA ARG A 300 -21.97 -14.31 5.52
C ARG A 300 -21.27 -13.80 4.29
N SER A 301 -21.18 -14.60 3.21
CA SER A 301 -20.53 -14.14 1.98
C SER A 301 -21.34 -13.03 1.32
N LYS A 302 -22.66 -13.18 1.31
CA LYS A 302 -23.56 -12.16 0.80
C LYS A 302 -23.45 -10.88 1.62
N ALA A 303 -23.33 -11.04 2.95
CA ALA A 303 -23.16 -9.94 3.89
C ALA A 303 -21.81 -9.25 3.66
N THR A 304 -20.78 -10.01 3.28
CA THR A 304 -19.47 -9.43 2.97
C THR A 304 -19.58 -8.58 1.73
N LEU A 305 -20.20 -9.11 0.66
CA LEU A 305 -20.39 -8.34 -0.55
C LEU A 305 -21.29 -7.13 -0.32
N ASP A 306 -22.24 -7.24 0.62
CA ASP A 306 -23.10 -6.11 1.04
C ASP A 306 -22.21 -4.98 1.61
N PHE A 307 -21.21 -5.33 2.46
CA PHE A 307 -20.28 -4.32 3.01
C PHE A 307 -19.48 -3.70 1.86
N PHE A 308 -18.85 -4.52 0.99
CA PHE A 308 -18.02 -3.97 -0.08
C PHE A 308 -18.80 -3.13 -1.06
N LYS A 309 -20.05 -3.49 -1.38
CA LYS A 309 -20.89 -2.67 -2.26
C LYS A 309 -21.14 -1.31 -1.59
N TRP A 310 -21.37 -1.31 -0.26
CA TRP A 310 -21.56 -0.05 0.46
C TRP A 310 -20.27 0.79 0.40
N ALA A 311 -19.12 0.17 0.64
CA ALA A 311 -17.84 0.90 0.63
C ALA A 311 -17.57 1.53 -0.71
N LEU A 312 -17.82 0.79 -1.81
CA LEU A 312 -17.53 1.31 -3.13
C LEU A 312 -18.57 2.31 -3.61
N GLU A 313 -19.83 2.18 -3.17
CA GLU A 313 -20.86 3.10 -3.65
C GLU A 313 -21.11 4.25 -2.72
N ASN A 314 -20.98 4.03 -1.40
CA ASN A 314 -21.30 5.04 -0.39
C ASN A 314 -20.13 5.50 0.48
N GLY A 315 -18.96 4.87 0.35
CA GLY A 315 -17.84 5.23 1.20
C GLY A 315 -16.69 5.97 0.54
N GLN A 316 -16.95 6.71 -0.53
CA GLN A 316 -15.91 7.44 -1.25
C GLN A 316 -15.37 8.64 -0.48
N ALA A 317 -16.25 9.40 0.21
CA ALA A 317 -15.80 10.57 1.00
C ALA A 317 -14.82 10.14 2.09
N GLN A 318 -15.08 8.99 2.72
CA GLN A 318 -14.23 8.43 3.76
C GLN A 318 -12.84 8.11 3.18
N ALA A 319 -12.81 7.56 1.97
CA ALA A 319 -11.55 7.24 1.32
C ALA A 319 -10.75 8.52 1.05
N SER A 320 -11.37 9.56 0.44
CA SER A 320 -10.69 10.81 0.15
C SER A 320 -10.19 11.48 1.42
N GLU A 321 -10.99 11.44 2.46
CA GLU A 321 -10.67 12.03 3.76
C GLU A 321 -9.38 11.45 4.35
N LEU A 322 -9.15 10.16 4.12
CA LEU A 322 -7.94 9.52 4.61
C LEU A 322 -6.80 9.49 3.58
N HIS A 323 -6.93 10.26 2.49
CA HIS A 323 -6.01 10.40 1.36
C HIS A 323 -5.83 9.12 0.56
N TYR A 324 -6.88 8.31 0.50
CA TYR A 324 -6.93 7.18 -0.40
C TYR A 324 -7.67 7.72 -1.63
N VAL A 325 -7.68 6.94 -2.68
CA VAL A 325 -8.38 7.26 -3.89
C VAL A 325 -9.49 6.26 -3.96
N PRO A 326 -10.72 6.76 -3.89
CA PRO A 326 -11.85 5.83 -3.98
C PRO A 326 -11.92 5.29 -5.41
N LEU A 327 -12.39 4.06 -5.57
CA LEU A 327 -12.48 3.46 -6.89
C LEU A 327 -13.48 4.26 -7.76
N PRO A 328 -13.08 4.57 -9.00
CA PRO A 328 -13.97 5.33 -9.89
C PRO A 328 -15.17 4.50 -10.36
N PRO A 329 -16.23 5.16 -10.88
CA PRO A 329 -17.46 4.44 -11.22
C PRO A 329 -17.34 3.28 -12.19
N GLU A 330 -16.55 3.40 -13.30
CA GLU A 330 -16.39 2.28 -14.24
C GLU A 330 -15.76 1.09 -13.54
N LEU A 331 -14.77 1.34 -12.66
CA LEU A 331 -14.12 0.25 -11.94
C LEU A 331 -15.15 -0.42 -10.99
N VAL A 332 -15.95 0.39 -10.28
CA VAL A 332 -16.99 -0.17 -9.40
C VAL A 332 -17.98 -1.07 -10.20
N LYS A 333 -18.36 -0.61 -11.39
CA LYS A 333 -19.26 -1.38 -12.26
CA LYS A 333 -19.26 -1.37 -12.28
C LYS A 333 -18.59 -2.71 -12.65
N GLN A 334 -17.31 -2.67 -13.02
CA GLN A 334 -16.57 -3.88 -13.38
C GLN A 334 -16.53 -4.85 -12.20
N ILE A 335 -16.35 -4.31 -10.98
CA ILE A 335 -16.30 -5.13 -9.77
C ILE A 335 -17.63 -5.77 -9.47
N GLU A 336 -18.71 -5.00 -9.57
CA GLU A 336 -20.04 -5.56 -9.31
C GLU A 336 -20.40 -6.63 -10.34
N ALA A 337 -19.95 -6.48 -11.59
CA ALA A 337 -20.14 -7.50 -12.61
C ALA A 337 -19.30 -8.75 -12.28
N TYR A 338 -18.09 -8.55 -11.73
CA TYR A 338 -17.20 -9.64 -11.31
C TYR A 338 -17.87 -10.41 -10.19
N TRP A 339 -18.46 -9.72 -9.19
CA TRP A 339 -19.19 -10.38 -8.10
C TRP A 339 -20.31 -11.25 -8.66
N GLY A 340 -21.04 -10.72 -9.63
CA GLY A 340 -22.13 -11.47 -10.25
C GLY A 340 -21.68 -12.74 -10.93
N SER A 341 -20.57 -12.69 -11.66
CA SER A 341 -20.10 -13.84 -12.42
C SER A 341 -19.26 -14.85 -11.64
N GLU A 342 -18.51 -14.40 -10.62
CA GLU A 342 -17.60 -15.25 -9.85
C GLU A 342 -18.18 -15.79 -8.55
N PHE A 343 -19.09 -15.07 -7.90
CA PHE A 343 -19.63 -15.49 -6.62
C PHE A 343 -21.07 -15.94 -6.78
#